data_9DEU
#
_entry.id   9DEU
#
_cell.length_a   53.647
_cell.length_b   105.194
_cell.length_c   73.792
_cell.angle_alpha   90.000
_cell.angle_beta   90.000
_cell.angle_gamma   90.000
#
_symmetry.space_group_name_H-M   'C 2 2 21'
#
loop_
_entity.id
_entity.type
_entity.pdbx_description
1 polymer 'Epoxyqueuosine reductase QueH'
2 non-polymer 2-amino-5-({[(1S,4S,5R)-4,5-dihydroxycyclopent-2-en-1-yl]amino}methyl)-7-(5-O-phosphono-beta-D-ribofuranosyl)-3,7-dihydro-4H-pyrrolo[2,3-d]pyrimidin-4-one
3 non-polymer 'IRON/SULFUR CLUSTER'
4 non-polymer 'CHLORIDE ION'
5 non-polymer 'ZINC ION'
6 water water
#
_entity_poly.entity_id   1
_entity_poly.type   'polypeptide(L)'
_entity_poly.pdbx_seq_one_letter_code
;MGTVLIHVCCAPDLLTTIFHVRDAEFFFYNPNIQPLSEYEKRREAVDKVANHFSLNVRYGEYSTEEIRKWYTAVKDYKDL
GEGSKRCERCISFLLERTAQEARKRGHESFSTTLLASPRKNLPMIENIGKTIEEKYGVKFFFKNFRKGGAYQEGVRLSKE
LGIYRQNYCGCVFSLLERREKHAEISRKRGHM
;
_entity_poly.pdbx_strand_id   A
#
loop_
_chem_comp.id
_chem_comp.type
_chem_comp.name
_chem_comp.formula
56B RNA linking 2-amino-5-({[(1S,4S,5R)-4,5-dihydroxycyclopent-2-en-1-yl]amino}methyl)-7-(5-O-phosphono-beta-D-ribofuranosyl)-3,7-dihydro-4H-pyrrolo[2,3-d]pyrimidin-4-one 'C17 H24 N5 O10 P'
CL non-polymer 'CHLORIDE ION' 'Cl -1'
SF4 non-polymer 'IRON/SULFUR CLUSTER' 'Fe4 S4'
ZN non-polymer 'ZINC ION' 'Zn 2'
#
# COMPACT_ATOMS: atom_id res chain seq x y z
N THR A 3 -17.04 3.14 1.27
CA THR A 3 -15.70 3.71 1.24
C THR A 3 -14.64 2.63 1.47
N VAL A 4 -13.47 2.81 0.88
CA VAL A 4 -12.43 1.79 0.90
C VAL A 4 -11.16 2.41 1.49
N LEU A 5 -10.50 1.67 2.37
CA LEU A 5 -9.20 2.08 2.88
C LEU A 5 -8.13 1.27 2.15
N ILE A 6 -7.22 1.97 1.49
CA ILE A 6 -6.23 1.33 0.61
C ILE A 6 -4.85 1.53 1.23
N HIS A 7 -4.23 0.43 1.65
CA HIS A 7 -2.83 0.44 2.03
C HIS A 7 -1.98 0.95 0.87
N VAL A 8 -1.01 1.80 1.19
CA VAL A 8 -0.07 2.33 0.19
C VAL A 8 1.32 1.84 0.50
N CYS A 9 1.96 1.18 -0.47
CA CYS A 9 3.36 0.74 -0.40
C CYS A 9 4.35 1.81 -0.87
N CYS A 10 4.05 2.54 -1.95
CA CYS A 10 4.96 3.51 -2.52
C CYS A 10 4.18 4.42 -3.46
N ALA A 11 4.79 5.56 -3.76
CA ALA A 11 4.13 6.55 -4.63
C ALA A 11 3.91 6.04 -6.05
N PRO A 12 4.86 5.37 -6.70
CA PRO A 12 4.58 4.89 -8.06
C PRO A 12 3.39 3.95 -8.13
N ASP A 13 3.23 3.05 -7.15
CA ASP A 13 2.07 2.18 -7.18
C ASP A 13 0.80 2.91 -6.80
N LEU A 14 0.90 3.95 -5.94
CA LEU A 14 -0.26 4.83 -5.68
C LEU A 14 -0.71 5.52 -6.98
N LEU A 15 0.24 6.00 -7.77
CA LEU A 15 -0.12 6.69 -9.01
C LEU A 15 -0.87 5.77 -9.96
N THR A 16 -0.42 4.52 -10.07
CA THR A 16 -1.15 3.56 -10.90
C THR A 16 -2.55 3.35 -10.38
N THR A 17 -2.69 3.24 -9.05
CA THR A 17 -3.95 2.91 -8.42
C THR A 17 -5.00 4.01 -8.61
N ILE A 18 -4.60 5.28 -8.52
CA ILE A 18 -5.60 6.35 -8.50
C ILE A 18 -6.17 6.65 -9.88
N PHE A 19 -5.67 6.01 -10.92
CA PHE A 19 -6.38 6.07 -12.19
C PHE A 19 -7.73 5.41 -12.12
N HIS A 20 -7.94 4.48 -11.19
CA HIS A 20 -9.13 3.66 -11.21
C HIS A 20 -9.99 3.76 -9.96
N VAL A 21 -9.45 4.21 -8.84
CA VAL A 21 -10.23 4.37 -7.62
C VAL A 21 -10.65 5.81 -7.49
N ARG A 22 -11.93 6.02 -7.17
CA ARG A 22 -12.54 7.34 -7.18
C ARG A 22 -12.66 7.97 -5.79
N ASP A 23 -13.00 7.20 -4.76
CA ASP A 23 -13.19 7.77 -3.43
C ASP A 23 -12.62 6.78 -2.40
N ALA A 24 -11.38 7.03 -2.01
CA ALA A 24 -10.66 6.17 -1.09
C ALA A 24 -9.98 7.01 -0.01
N GLU A 25 -9.75 6.40 1.12
CA GLU A 25 -8.81 6.91 2.10
C GLU A 25 -7.59 6.00 1.98
N PHE A 26 -6.40 6.59 1.92
CA PHE A 26 -5.15 5.82 1.81
C PHE A 26 -4.43 5.74 3.14
N PHE A 27 -3.69 4.64 3.34
CA PHE A 27 -3.07 4.32 4.63
C PHE A 27 -1.62 3.91 4.35
N PHE A 28 -0.70 4.83 4.56
CA PHE A 28 0.72 4.52 4.37
C PHE A 28 1.26 3.89 5.64
N TYR A 29 1.49 2.57 5.59
CA TYR A 29 1.95 1.78 6.72
C TYR A 29 2.93 0.76 6.18
N ASN A 30 4.24 0.89 6.52
CA ASN A 30 5.26 0.02 5.97
C ASN A 30 6.46 -0.09 6.89
N PRO A 31 6.30 -0.68 8.08
CA PRO A 31 7.47 -0.85 8.96
C PRO A 31 8.53 -1.78 8.38
N ASN A 32 8.21 -2.48 7.29
CA ASN A 32 9.18 -3.32 6.57
C ASN A 32 10.23 -2.50 5.83
N ILE A 33 10.10 -1.28 5.66
CA ILE A 33 11.04 -0.49 4.88
C ILE A 33 12.13 0.01 5.81
N GLN A 34 13.31 -0.10 5.72
CA GLN A 34 14.43 0.23 6.58
C GLN A 34 15.58 0.62 5.69
N PRO A 35 16.44 1.46 6.09
CA PRO A 35 16.43 2.20 7.35
C PRO A 35 15.46 3.37 7.32
N LEU A 36 15.46 4.17 8.38
CA LEU A 36 14.53 5.29 8.50
C LEU A 36 14.66 6.26 7.31
N SER A 37 15.89 6.52 6.85
CA SER A 37 16.04 7.44 5.72
C SER A 37 15.28 6.98 4.47
N GLU A 38 15.20 5.67 4.26
CA GLU A 38 14.49 5.14 3.09
C GLU A 38 12.99 5.17 3.33
N TYR A 39 12.56 4.90 4.56
CA TYR A 39 11.13 5.05 4.88
C TYR A 39 10.69 6.49 4.65
N GLU A 40 11.49 7.44 5.12
CA GLU A 40 11.11 8.84 4.98
C GLU A 40 11.12 9.29 3.52
N LYS A 41 12.10 8.82 2.74
CA LYS A 41 12.13 9.13 1.31
C LYS A 41 10.86 8.64 0.62
N ARG A 42 10.46 7.42 0.94
CA ARG A 42 9.25 6.87 0.31
C ARG A 42 8.01 7.59 0.79
N ARG A 43 7.97 7.89 2.08
CA ARG A 43 6.85 8.65 2.64
C ARG A 43 6.74 10.02 2.01
N GLU A 44 7.86 10.71 1.82
CA GLU A 44 7.77 12.04 1.25
C GLU A 44 7.28 12.01 -0.19
N ALA A 45 7.60 10.95 -0.94
CA ALA A 45 7.11 10.86 -2.31
C ALA A 45 5.60 10.65 -2.34
N VAL A 46 5.08 9.83 -1.42
CA VAL A 46 3.63 9.65 -1.29
C VAL A 46 2.98 10.97 -0.93
N ASP A 47 3.58 11.72 0.00
CA ASP A 47 3.03 13.01 0.41
C ASP A 47 3.00 13.98 -0.77
N LYS A 48 4.01 13.92 -1.65
CA LYS A 48 4.04 14.78 -2.82
C LYS A 48 2.89 14.46 -3.77
N VAL A 49 2.64 13.17 -3.99
CA VAL A 49 1.50 12.77 -4.81
C VAL A 49 0.19 13.20 -4.15
N ALA A 50 0.06 13.02 -2.83
CA ALA A 50 -1.19 13.35 -2.16
C ALA A 50 -1.47 14.84 -2.24
N ASN A 51 -0.45 15.68 -2.09
CA ASN A 51 -0.69 17.11 -2.19
C ASN A 51 -1.00 17.52 -3.62
N HIS A 52 -0.34 16.88 -4.59
CA HIS A 52 -0.59 17.21 -6.00
C HIS A 52 -2.04 16.93 -6.42
N PHE A 53 -2.62 15.81 -5.97
CA PHE A 53 -3.95 15.39 -6.39
C PHE A 53 -5.00 15.52 -5.29
N SER A 54 -4.66 16.18 -4.19
CA SER A 54 -5.56 16.32 -3.03
C SER A 54 -6.13 14.98 -2.58
N LEU A 55 -5.23 14.01 -2.37
CA LEU A 55 -5.65 12.73 -1.84
C LEU A 55 -5.74 12.80 -0.33
N ASN A 56 -6.56 11.92 0.23
CA ASN A 56 -6.71 11.72 1.67
C ASN A 56 -5.79 10.58 2.06
N VAL A 57 -4.61 10.88 2.60
CA VAL A 57 -3.67 9.85 3.06
C VAL A 57 -3.46 9.98 4.57
N ARG A 58 -3.51 8.86 5.27
CA ARG A 58 -3.15 8.76 6.68
C ARG A 58 -1.82 8.02 6.79
N TYR A 59 -1.01 8.42 7.76
CA TYR A 59 0.34 7.87 7.90
C TYR A 59 0.40 7.07 9.20
N GLY A 60 0.64 5.76 9.07
CA GLY A 60 0.65 4.86 10.20
C GLY A 60 1.94 4.93 11.00
N GLU A 61 2.01 4.09 12.02
CA GLU A 61 3.15 4.13 12.95
C GLU A 61 4.43 3.59 12.31
N TYR A 62 5.53 4.27 12.59
CA TYR A 62 6.86 3.79 12.24
C TYR A 62 7.76 4.07 13.42
N SER A 63 8.18 3.03 14.10
CA SER A 63 8.92 3.18 15.34
C SER A 63 9.72 1.90 15.56
N THR A 64 10.64 1.95 16.53
CA THR A 64 11.43 0.76 16.85
C THR A 64 10.48 -0.38 17.12
N GLU A 65 9.54 -0.18 18.04
CA GLU A 65 8.56 -1.24 18.39
C GLU A 65 7.84 -1.73 17.12
N GLU A 66 7.28 -0.83 16.33
CA GLU A 66 6.53 -1.28 15.16
C GLU A 66 7.40 -2.16 14.28
N ILE A 67 8.69 -1.82 14.16
CA ILE A 67 9.59 -2.64 13.36
C ILE A 67 9.83 -4.00 14.01
N ARG A 68 9.90 -4.05 15.35
CA ARG A 68 10.09 -5.35 16.01
C ARG A 68 8.89 -6.26 15.79
N LYS A 69 7.67 -5.73 15.90
CA LYS A 69 6.47 -6.51 15.61
C LYS A 69 6.54 -7.12 14.21
N TRP A 70 6.92 -6.31 13.22
CA TRP A 70 7.02 -6.83 11.85
C TRP A 70 8.12 -7.89 11.75
N TYR A 71 9.26 -7.65 12.38
CA TYR A 71 10.35 -8.61 12.23
C TYR A 71 9.97 -9.95 12.85
N THR A 72 9.28 -9.92 13.98
CA THR A 72 8.80 -11.17 14.59
C THR A 72 7.88 -11.94 13.65
N ALA A 73 7.07 -11.22 12.87
CA ALA A 73 6.16 -11.87 11.94
C ALA A 73 6.88 -12.57 10.79
N VAL A 74 7.98 -12.00 10.28
CA VAL A 74 8.71 -12.59 9.16
C VAL A 74 9.97 -13.32 9.60
N LYS A 85 7.38 -17.21 0.83
CA LYS A 85 6.69 -17.45 2.11
C LYS A 85 6.92 -16.23 3.01
N ARG A 86 8.16 -15.74 3.08
CA ARG A 86 8.45 -14.56 3.87
C ARG A 86 7.73 -13.32 3.34
N CYS A 87 7.60 -13.20 2.02
CA CYS A 87 6.77 -12.12 1.48
C CYS A 87 5.29 -12.34 1.76
N GLU A 88 4.84 -13.59 1.77
CA GLU A 88 3.47 -13.86 2.20
C GLU A 88 3.25 -13.37 3.62
N ARG A 89 4.12 -13.59 4.44
CA ARG A 89 4.11 -13.09 5.80
C ARG A 89 4.13 -11.57 5.83
N CYS A 90 4.99 -11.06 5.15
CA CYS A 90 5.13 -9.61 5.18
C CYS A 90 3.86 -8.93 4.71
N ILE A 91 3.32 -9.37 3.58
CA ILE A 91 2.13 -8.73 3.03
C ILE A 91 0.93 -8.97 3.96
N SER A 92 0.81 -10.18 4.52
CA SER A 92 -0.27 -10.43 5.47
C SER A 92 -0.17 -9.51 6.69
N PHE A 93 1.06 -9.25 7.17
CA PHE A 93 1.23 -8.34 8.31
C PHE A 93 0.72 -6.95 7.96
N LEU A 94 1.10 -6.46 6.77
CA LEU A 94 0.65 -5.12 6.35
C LEU A 94 -0.86 -5.06 6.14
N LEU A 95 -1.41 -6.04 5.53
CA LEU A 95 -2.84 -5.96 5.31
C LEU A 95 -3.65 -6.28 6.56
N GLU A 96 -3.22 -6.96 7.42
CA GLU A 96 -3.94 -7.13 8.69
C GLU A 96 -4.07 -5.80 9.41
N ARG A 97 -2.96 -5.05 9.52
CA ARG A 97 -3.04 -3.73 10.13
C ARG A 97 -4.02 -2.85 9.37
N THR A 98 -4.00 -2.92 8.03
CA THR A 98 -4.89 -2.11 7.22
C THR A 98 -6.35 -2.47 7.49
N ALA A 99 -6.66 -3.76 7.54
CA ALA A 99 -8.06 -4.13 7.76
C ALA A 99 -8.52 -3.75 9.17
N GLN A 100 -7.62 -3.86 10.16
CA GLN A 100 -7.90 -3.37 11.50
C GLN A 100 -8.24 -1.88 11.48
N GLU A 101 -7.43 -1.11 10.76
CA GLU A 101 -7.69 0.32 10.64
C GLU A 101 -9.01 0.56 9.93
N ALA A 102 -9.32 -0.22 8.89
CA ALA A 102 -10.55 0.02 8.15
C ALA A 102 -11.77 -0.15 9.07
N ARG A 103 -11.75 -1.16 9.91
CA ARG A 103 -12.86 -1.37 10.84
C ARG A 103 -12.95 -0.24 11.86
N LYS A 104 -11.81 0.19 12.40
CA LYS A 104 -11.79 1.27 13.38
C LYS A 104 -12.35 2.57 12.81
N ARG A 105 -12.11 2.84 11.53
CA ARG A 105 -12.48 4.10 10.91
C ARG A 105 -13.76 3.98 10.06
N GLY A 106 -14.47 2.86 10.18
CA GLY A 106 -15.78 2.74 9.57
C GLY A 106 -15.78 2.51 8.08
N HIS A 107 -14.69 2.01 7.51
CA HIS A 107 -14.63 1.69 6.10
C HIS A 107 -15.09 0.27 5.90
N GLU A 108 -15.97 0.05 4.92
CA GLU A 108 -16.53 -1.27 4.72
C GLU A 108 -15.65 -2.15 3.84
N SER A 109 -14.61 -1.60 3.21
CA SER A 109 -13.70 -2.38 2.37
C SER A 109 -12.28 -1.91 2.60
N PHE A 110 -11.33 -2.76 2.22
CA PHE A 110 -9.91 -2.39 2.25
C PHE A 110 -9.24 -2.97 1.00
N SER A 111 -8.08 -2.39 0.64
CA SER A 111 -7.32 -2.90 -0.49
C SER A 111 -5.85 -2.50 -0.29
N THR A 112 -5.05 -2.65 -1.34
CA THR A 112 -3.66 -2.25 -1.24
C THR A 112 -3.14 -1.87 -2.62
N THR A 113 -2.25 -0.87 -2.67
CA THR A 113 -1.58 -0.54 -3.95
C THR A 113 -0.55 -1.59 -4.35
N LEU A 114 -0.27 -2.58 -3.51
CA LEU A 114 0.59 -3.67 -3.96
C LEU A 114 -0.05 -4.39 -5.12
N LEU A 115 -1.37 -4.29 -5.26
CA LEU A 115 -2.04 -4.89 -6.42
C LEU A 115 -1.63 -4.22 -7.72
N ALA A 116 -1.02 -3.05 -7.64
CA ALA A 116 -0.54 -2.35 -8.82
C ALA A 116 0.91 -2.66 -9.11
N SER A 117 1.38 -3.23 -8.66
CA SER A 117 2.82 -3.43 -8.57
C SER A 117 3.22 -4.57 -9.49
N PRO A 118 4.09 -4.28 -10.47
CA PRO A 118 4.33 -5.24 -11.56
C PRO A 118 5.04 -6.51 -11.11
N ARG A 119 5.86 -6.41 -10.07
CA ARG A 119 6.61 -7.58 -9.60
C ARG A 119 5.74 -8.57 -8.85
N LYS A 120 4.68 -8.11 -8.21
CA LYS A 120 4.08 -8.88 -7.14
C LYS A 120 3.20 -9.99 -7.71
N ASN A 121 2.81 -10.89 -6.83
CA ASN A 121 2.07 -12.08 -7.20
C ASN A 121 0.60 -11.79 -6.89
N LEU A 122 -0.19 -11.48 -7.93
CA LEU A 122 -1.61 -11.19 -7.72
C LEU A 122 -2.37 -12.33 -7.05
N PRO A 123 -2.22 -13.60 -7.45
CA PRO A 123 -2.95 -14.64 -6.72
C PRO A 123 -2.60 -14.68 -5.24
N MET A 124 -1.33 -14.53 -4.88
CA MET A 124 -0.96 -14.57 -3.46
C MET A 124 -1.58 -13.39 -2.71
N ILE A 125 -1.57 -12.19 -3.30
CA ILE A 125 -2.18 -11.05 -2.60
C ILE A 125 -3.68 -11.24 -2.43
N GLU A 126 -4.38 -11.69 -3.49
CA GLU A 126 -5.82 -11.89 -3.35
C GLU A 126 -6.12 -12.94 -2.31
N ASN A 127 -5.34 -14.02 -2.27
CA ASN A 127 -5.55 -15.03 -1.24
C ASN A 127 -5.40 -14.45 0.17
N ILE A 128 -4.37 -13.64 0.38
CA ILE A 128 -4.15 -13.03 1.69
C ILE A 128 -5.29 -12.09 2.03
N GLY A 129 -5.70 -11.27 1.06
CA GLY A 129 -6.77 -10.33 1.30
C GLY A 129 -8.07 -11.01 1.68
N LYS A 130 -8.39 -12.12 0.99
CA LYS A 130 -9.63 -12.83 1.27
C LYS A 130 -9.59 -13.49 2.65
N THR A 131 -8.41 -13.97 3.06
CA THR A 131 -8.25 -14.54 4.39
C THR A 131 -8.44 -13.49 5.47
N ILE A 132 -7.88 -12.30 5.25
CA ILE A 132 -8.02 -11.23 6.23
C ILE A 132 -9.47 -10.74 6.28
N GLU A 133 -10.14 -10.69 5.13
CA GLU A 133 -11.56 -10.33 5.08
C GLU A 133 -12.38 -11.23 5.98
N GLU A 134 -12.14 -12.54 5.89
CA GLU A 134 -12.89 -13.49 6.70
C GLU A 134 -12.64 -13.28 8.19
N LYS A 135 -11.46 -12.77 8.54
CA LYS A 135 -11.14 -12.58 9.95
C LYS A 135 -11.75 -11.30 10.52
N TYR A 136 -11.74 -10.20 9.75
CA TYR A 136 -12.14 -8.90 10.29
C TYR A 136 -13.50 -8.42 9.84
N GLY A 137 -14.09 -9.04 8.82
CA GLY A 137 -15.39 -8.61 8.34
C GLY A 137 -15.34 -7.33 7.53
N VAL A 138 -14.18 -7.00 6.97
CA VAL A 138 -14.01 -5.91 6.02
C VAL A 138 -13.75 -6.54 4.66
N LYS A 139 -14.53 -6.14 3.66
CA LYS A 139 -14.44 -6.71 2.33
C LYS A 139 -13.10 -6.36 1.69
N PHE A 140 -12.44 -7.34 1.07
CA PHE A 140 -11.20 -7.06 0.34
C PHE A 140 -11.55 -6.72 -1.10
N PHE A 141 -11.15 -5.54 -1.54
CA PHE A 141 -11.38 -5.10 -2.91
C PHE A 141 -10.19 -5.50 -3.78
N PHE A 142 -10.41 -6.42 -4.70
CA PHE A 142 -9.40 -6.84 -5.65
C PHE A 142 -9.63 -6.17 -6.99
N LYS A 143 -8.55 -5.69 -7.59
CA LYS A 143 -8.60 -5.19 -8.94
C LYS A 143 -7.23 -5.45 -9.56
N ASN A 144 -7.24 -5.78 -10.84
CA ASN A 144 -6.03 -5.86 -11.66
C ASN A 144 -5.47 -4.46 -11.87
N PHE A 145 -5.06 -3.76 -10.80
CA PHE A 145 -4.78 -2.32 -10.84
C PHE A 145 -3.87 -1.84 -11.98
N ARG A 146 -3.08 -2.75 -12.54
CA ARG A 146 -2.17 -2.40 -13.66
C ARG A 146 -2.97 -2.35 -14.97
N LYS A 147 -4.14 -2.99 -15.00
CA LYS A 147 -4.97 -3.05 -16.24
C LYS A 147 -5.48 -1.65 -16.59
N GLY A 148 -5.97 -1.47 -17.82
CA GLY A 148 -6.41 -0.14 -18.27
C GLY A 148 -5.19 0.72 -18.59
N GLY A 149 -4.07 0.06 -18.92
CA GLY A 149 -2.82 0.80 -19.18
C GLY A 149 -2.41 1.61 -17.97
N ALA A 150 -3.26 1.65 -16.94
CA ALA A 150 -2.97 2.48 -15.75
C ALA A 150 -1.50 2.41 -15.36
N TYR A 151 -0.87 1.25 -15.56
CA TYR A 151 0.54 1.09 -15.11
C TYR A 151 1.43 2.07 -15.86
N GLN A 152 1.33 2.05 -17.18
CA GLN A 152 2.13 3.00 -18.00
C GLN A 152 1.65 4.41 -17.69
N GLU A 153 0.37 4.56 -17.37
CA GLU A 153 -0.14 5.89 -16.97
C GLU A 153 0.54 6.30 -15.66
N GLY A 154 0.76 5.35 -14.74
CA GLY A 154 1.49 5.69 -13.53
C GLY A 154 2.94 6.02 -13.80
N VAL A 155 3.60 5.44 -14.61
CA VAL A 155 4.96 5.75 -15.06
C VAL A 155 5.03 7.17 -15.61
N ARG A 156 4.13 7.41 -16.60
CA ARG A 156 4.14 8.76 -17.14
C ARG A 156 3.94 9.80 -16.05
N LEU A 157 3.01 9.55 -15.11
CA LEU A 157 2.80 10.57 -14.09
C LEU A 157 3.96 10.61 -13.10
N SER A 158 4.60 9.47 -12.82
CA SER A 158 5.77 9.50 -11.94
C SER A 158 6.87 10.38 -12.53
N LYS A 159 7.19 10.18 -13.80
CA LYS A 159 8.19 11.01 -14.47
C LYS A 159 7.82 12.49 -14.38
N GLU A 160 6.59 12.82 -14.76
CA GLU A 160 6.13 14.21 -14.78
C GLU A 160 6.29 14.85 -13.39
N LEU A 161 5.77 14.19 -12.35
CA LEU A 161 5.91 14.70 -10.99
C LEU A 161 7.31 14.53 -10.44
N GLY A 162 8.22 13.91 -11.18
CA GLY A 162 9.57 13.67 -10.68
C GLY A 162 9.60 12.81 -9.43
N ILE A 163 8.75 11.77 -9.38
CA ILE A 163 8.49 11.01 -8.16
C ILE A 163 9.56 9.94 -8.00
N TYR A 164 10.07 9.80 -6.78
CA TYR A 164 11.00 8.73 -6.44
C TYR A 164 10.44 7.35 -6.81
N ARG A 165 11.19 6.68 -7.71
CA ARG A 165 10.86 5.29 -8.12
C ARG A 165 12.02 4.44 -7.59
N GLN A 166 11.75 3.57 -6.63
CA GLN A 166 12.74 2.76 -5.94
C GLN A 166 13.06 1.48 -6.70
N ASN A 167 14.06 1.18 -6.28
CA ASN A 167 15.07 0.21 -6.66
C ASN A 167 15.08 -1.03 -5.77
N TYR A 168 14.35 -1.27 -4.89
CA TYR A 168 14.16 -2.52 -4.17
C TYR A 168 12.88 -2.45 -3.35
N CYS A 169 12.45 -3.61 -2.84
CA CYS A 169 11.12 -3.73 -2.23
C CYS A 169 11.01 -2.93 -0.94
N GLY A 170 12.05 -2.92 -0.11
CA GLY A 170 12.03 -2.10 1.09
C GLY A 170 12.81 -2.68 2.24
N CYS A 171 12.63 -3.98 2.48
CA CYS A 171 13.23 -4.64 3.62
C CYS A 171 14.72 -4.88 3.40
N VAL A 172 15.42 -5.23 4.48
CA VAL A 172 16.88 -5.35 4.42
C VAL A 172 17.32 -6.46 3.48
N9 56B B . 15.07 -2.41 -10.66
C2' 56B B . 16.36 -1.68 -12.73
O2' 56B B . 16.01 -2.63 -13.71
P 56B B . 18.75 3.12 -10.88
C1' 56B B . 16.38 -2.29 -11.33
N10 56B B . 11.52 -0.98 -7.96
O11 56B B . 8.13 -1.61 -6.82
C8 56B B . 14.11 -1.42 -10.56
N3 56B B . 15.30 -4.68 -9.88
O12 56B B . 8.80 -1.07 -4.20
C7 56B B . 13.02 -1.87 -9.83
N2 56B B . 15.19 -6.80 -8.97
O6 56B B . 11.57 -4.16 -8.21
C9 56B B . 11.73 -1.17 -9.43
N1 56B B . 13.40 -5.39 -8.63
O4' 56B B . 17.20 -1.44 -10.54
C10 56B B . 10.48 -1.85 -7.39
O5' 56B B . 18.56 1.74 -11.64
C11 56B B . 9.43 -1.02 -6.64
OP2 56B B . 18.56 2.89 -9.43
C12 56B B . 9.87 -1.08 -5.15
C13 56B B . 10.67 -2.36 -5.04
OP1 56B B . 17.96 4.16 -11.56
C14 56B B . 11.03 -2.79 -6.30
O3' 56B B . 18.63 -2.31 -12.99
C5 56B B . 13.36 -3.24 -9.47
C4 56B B . 14.63 -3.52 -10.01
C2 56B B . 14.64 -5.60 -9.18
C6 56B B . 12.68 -4.23 -8.73
C4' 56B B . 17.99 -0.60 -11.43
C5' 56B B . 17.54 0.82 -11.26
C3' 56B B . 17.78 -1.18 -12.82
FE1 SF4 C . 9.04 -6.95 0.01
FE2 SF4 C . 9.08 -9.65 0.57
FE3 SF4 C . 8.13 -7.85 2.45
FE4 SF4 C . 10.83 -7.92 1.86
S1 SF4 C . 9.57 -9.58 2.82
S2 SF4 C . 9.52 -6.05 2.06
S3 SF4 C . 10.76 -8.41 -0.38
S4 SF4 C . 7.23 -8.31 0.38
CL CL D . 6.40 -1.49 -3.57
ZN ZN E . 4.74 -0.10 -4.22
#